data_1H70
#
_entry.id   1H70
#
_cell.length_a   69.814
_cell.length_b   61.798
_cell.length_c   54.618
_cell.angle_alpha   90.00
_cell.angle_beta   95.15
_cell.angle_gamma   90.00
#
_symmetry.space_group_name_H-M   'C 1 2 1'
#
loop_
_entity.id
_entity.type
_entity.pdbx_description
1 polymer 'NG, NG-DIMETHYLARGININE DIMETHYLAMINOHYDROLASE'
2 non-polymer CITRULLINE
3 water water
#
_entity_poly.entity_id   1
_entity_poly.type   'polypeptide(L)'
_entity_poly.pdbx_seq_one_letter_code
;FMFKHIIARTPARSLVDGLTSSHLGKPDYAKALEQHNAYIRALQTCDVDITLLPPDERFPDSVFVEDPVLCTSRCAIITR
PGAESRRGETEIIEETVQRFYPGKVERIEAPGTVEAGDIMMVGDHFYIGESARTNAEGARQMIAILEKHGLSGSVVRLEK
VLHLKTGLAYLEHNNLLAAGEFVSKPEFQDFNIIEIPEEESYAANCIWVNERVIMPAGYPRTREKIARLGYRVIEVDTSE
YRKIDGGVSSMSLRF
;
_entity_poly.pdbx_strand_id   A
#
# COMPACT_ATOMS: atom_id res chain seq x y z
N PHE A 1 -2.29 -11.07 16.06
CA PHE A 1 -1.65 -9.73 15.99
C PHE A 1 -2.68 -8.67 15.71
N MET A 2 -2.32 -7.43 15.96
CA MET A 2 -3.21 -6.31 15.72
C MET A 2 -2.34 -5.06 15.48
N PHE A 3 -2.80 -4.23 14.57
CA PHE A 3 -2.12 -2.97 14.32
C PHE A 3 -2.48 -1.98 15.42
N LYS A 4 -1.57 -1.08 15.76
CA LYS A 4 -1.88 -0.08 16.79
C LYS A 4 -1.96 1.30 16.15
N HIS A 5 -1.28 1.48 15.02
CA HIS A 5 -1.22 2.79 14.36
C HIS A 5 -1.35 2.79 12.84
N ILE A 6 -1.77 3.95 12.35
CA ILE A 6 -1.89 4.25 10.94
C ILE A 6 -1.29 5.65 10.73
N ILE A 7 -0.57 5.83 9.62
CA ILE A 7 -0.09 7.15 9.20
C ILE A 7 -0.74 7.43 7.84
N ALA A 8 -1.18 8.66 7.62
CA ALA A 8 -1.81 9.06 6.34
C ALA A 8 -1.43 10.50 6.06
N ARG A 9 -1.72 11.01 4.88
CA ARG A 9 -1.41 12.43 4.60
C ARG A 9 -2.50 13.03 3.75
N THR A 10 -3.00 14.19 4.14
CA THR A 10 -4.02 14.90 3.39
C THR A 10 -3.58 15.10 1.97
N PRO A 11 -4.46 14.93 0.99
CA PRO A 11 -4.08 15.15 -0.43
C PRO A 11 -3.85 16.64 -0.71
N ALA A 12 -2.92 16.94 -1.60
CA ALA A 12 -2.60 18.32 -1.97
C ALA A 12 -3.47 18.76 -3.14
N ARG A 13 -3.54 20.06 -3.40
CA ARG A 13 -4.30 20.49 -4.56
C ARG A 13 -3.63 19.95 -5.82
N SER A 14 -2.30 19.81 -5.79
CA SER A 14 -1.55 19.29 -6.93
C SER A 14 -1.82 17.81 -7.25
N LEU A 15 -2.65 17.16 -6.44
CA LEU A 15 -3.08 15.77 -6.66
C LEU A 15 -3.64 15.61 -8.08
N VAL A 16 -4.31 16.65 -8.59
CA VAL A 16 -4.88 16.59 -9.92
C VAL A 16 -3.84 16.27 -10.98
N ASP A 17 -2.57 16.62 -10.69
CA ASP A 17 -1.44 16.38 -11.57
C ASP A 17 -0.60 15.17 -11.13
N GLY A 18 -1.19 14.25 -10.37
CA GLY A 18 -0.49 13.06 -9.94
C GLY A 18 -0.10 12.18 -11.11
N LEU A 19 0.96 11.40 -10.95
CA LEU A 19 1.40 10.50 -12.01
C LEU A 19 0.33 9.47 -12.35
N THR A 20 0.19 9.12 -13.63
CA THR A 20 -0.75 8.07 -13.98
C THR A 20 -0.48 7.46 -15.34
N SER A 21 -0.82 6.19 -15.42
CA SER A 21 -0.75 5.45 -16.67
C SER A 21 -2.17 5.09 -17.12
N SER A 22 -3.18 5.61 -16.43
CA SER A 22 -4.58 5.33 -16.76
C SER A 22 -5.20 6.44 -17.59
N HIS A 23 -6.41 6.19 -18.08
CA HIS A 23 -7.14 7.16 -18.90
C HIS A 23 -8.58 7.23 -18.35
N LEU A 24 -8.67 7.48 -17.05
CA LEU A 24 -9.95 7.54 -16.35
C LEU A 24 -10.36 8.96 -15.98
N GLY A 25 -9.67 9.95 -16.54
CA GLY A 25 -9.93 11.34 -16.25
C GLY A 25 -8.98 11.85 -15.18
N LYS A 26 -9.00 13.16 -14.90
CA LYS A 26 -8.13 13.72 -13.86
C LYS A 26 -8.91 13.85 -12.56
N PRO A 27 -8.22 13.65 -11.45
CA PRO A 27 -8.86 13.76 -10.13
C PRO A 27 -9.47 15.14 -9.93
N ASP A 28 -10.62 15.15 -9.26
CA ASP A 28 -11.34 16.37 -8.87
C ASP A 28 -10.88 16.56 -7.42
N TYR A 29 -10.12 17.62 -7.18
CA TYR A 29 -9.59 17.85 -5.83
C TYR A 29 -10.64 17.86 -4.73
N ALA A 30 -11.74 18.60 -4.89
CA ALA A 30 -12.76 18.66 -3.84
C ALA A 30 -13.34 17.27 -3.52
N LYS A 31 -13.63 16.51 -4.57
CA LYS A 31 -14.15 15.16 -4.38
C LYS A 31 -13.11 14.24 -3.73
N ALA A 32 -11.83 14.41 -4.08
CA ALA A 32 -10.77 13.58 -3.51
C ALA A 32 -10.64 13.85 -2.02
N LEU A 33 -10.82 15.12 -1.65
CA LEU A 33 -10.75 15.49 -0.23
C LEU A 33 -11.84 14.77 0.54
N GLU A 34 -13.05 14.75 -0.01
CA GLU A 34 -14.15 14.06 0.67
C GLU A 34 -13.86 12.57 0.76
N GLN A 35 -13.27 11.98 -0.28
CA GLN A 35 -13.01 10.54 -0.20
C GLN A 35 -11.94 10.21 0.83
N HIS A 36 -10.91 11.06 0.93
CA HIS A 36 -9.84 10.82 1.88
C HIS A 36 -10.41 10.96 3.31
N ASN A 37 -11.32 11.90 3.50
CA ASN A 37 -11.96 12.09 4.78
C ASN A 37 -12.76 10.83 5.09
N ALA A 38 -13.50 10.32 4.11
CA ALA A 38 -14.29 9.10 4.33
C ALA A 38 -13.39 7.93 4.73
N TYR A 39 -12.19 7.89 4.15
CA TYR A 39 -11.22 6.85 4.42
C TYR A 39 -10.73 6.98 5.86
N ILE A 40 -10.44 8.20 6.29
CA ILE A 40 -10.02 8.40 7.70
C ILE A 40 -11.12 8.02 8.69
N ARG A 41 -12.37 8.36 8.37
CA ARG A 41 -13.49 8.04 9.25
C ARG A 41 -13.68 6.55 9.37
N ALA A 42 -13.42 5.81 8.29
CA ALA A 42 -13.47 4.35 8.33
C ALA A 42 -12.34 3.85 9.25
N LEU A 43 -11.14 4.41 9.10
CA LEU A 43 -10.01 4.02 9.92
C LEU A 43 -10.20 4.35 11.38
N GLN A 44 -11.01 5.37 11.68
CA GLN A 44 -11.32 5.71 13.07
C GLN A 44 -12.14 4.63 13.79
N THR A 45 -12.70 3.70 13.04
CA THR A 45 -13.49 2.60 13.62
C THR A 45 -12.71 1.32 13.76
N CYS A 46 -11.42 1.35 13.47
CA CYS A 46 -10.61 0.13 13.48
C CYS A 46 -9.68 -0.05 14.68
N ASP A 47 -9.93 0.65 15.79
CA ASP A 47 -9.13 0.49 17.00
C ASP A 47 -7.64 0.76 16.80
N VAL A 48 -7.34 1.83 16.06
CA VAL A 48 -5.95 2.23 15.88
C VAL A 48 -5.86 3.73 16.14
N ASP A 49 -4.70 4.28 16.47
CA ASP A 49 -4.66 5.75 16.49
C ASP A 49 -4.13 6.15 15.14
N ILE A 50 -4.44 7.37 14.72
CA ILE A 50 -4.16 7.82 13.39
C ILE A 50 -3.27 9.05 13.44
N THR A 51 -2.19 9.06 12.65
CA THR A 51 -1.35 10.24 12.54
C THR A 51 -1.60 10.78 11.15
N LEU A 52 -2.20 11.95 11.04
CA LEU A 52 -2.58 12.53 9.77
C LEU A 52 -1.71 13.72 9.47
N LEU A 53 -0.85 13.56 8.46
CA LEU A 53 0.10 14.64 8.11
C LEU A 53 -0.50 15.63 7.15
N PRO A 54 0.04 16.86 7.15
CA PRO A 54 -0.47 17.94 6.28
C PRO A 54 -0.09 17.74 4.81
N PRO A 55 -0.86 18.38 3.94
CA PRO A 55 -0.58 18.27 2.50
C PRO A 55 0.74 18.94 2.12
N ASP A 56 1.35 18.50 1.03
CA ASP A 56 2.59 19.15 0.57
C ASP A 56 2.40 19.34 -0.92
N GLU A 57 2.19 20.59 -1.33
CA GLU A 57 1.95 20.89 -2.74
C GLU A 57 3.07 20.53 -3.69
N ARG A 58 4.29 20.45 -3.19
CA ARG A 58 5.44 20.10 -4.02
C ARG A 58 5.39 18.64 -4.49
N PHE A 59 4.57 17.82 -3.85
CA PHE A 59 4.49 16.40 -4.14
C PHE A 59 3.05 15.95 -4.40
N PRO A 60 2.61 16.07 -5.65
CA PRO A 60 1.24 15.72 -6.04
C PRO A 60 0.75 14.34 -5.55
N ASP A 61 1.64 13.36 -5.53
CA ASP A 61 1.29 11.99 -5.13
C ASP A 61 1.64 11.67 -3.68
N SER A 62 1.95 12.68 -2.87
CA SER A 62 2.36 12.46 -1.47
C SER A 62 1.28 11.88 -0.53
N VAL A 63 0.03 11.86 -0.98
CA VAL A 63 -1.07 11.23 -0.28
C VAL A 63 -0.82 9.73 -0.21
N PHE A 64 -0.07 9.20 -1.17
CA PHE A 64 0.26 7.77 -1.20
C PHE A 64 1.47 7.45 -0.33
N VAL A 65 1.28 7.62 0.98
CA VAL A 65 2.33 7.41 1.96
C VAL A 65 2.84 5.97 2.06
N GLU A 66 2.11 5.01 1.48
CA GLU A 66 2.61 3.64 1.47
C GLU A 66 3.96 3.54 0.78
N ASP A 67 4.23 4.30 -0.28
CA ASP A 67 5.50 4.11 -1.02
C ASP A 67 6.82 4.52 -0.37
N PRO A 68 6.88 5.67 0.29
CA PRO A 68 8.15 6.12 0.89
C PRO A 68 8.67 5.36 2.11
N VAL A 69 7.94 4.43 2.72
CA VAL A 69 8.43 3.74 3.89
C VAL A 69 7.80 2.37 4.04
N LEU A 70 8.54 1.47 4.66
CA LEU A 70 8.01 0.17 5.05
C LEU A 70 8.11 0.09 6.57
N CYS A 71 6.97 0.02 7.25
CA CYS A 71 6.96 -0.10 8.71
C CYS A 71 6.71 -1.54 9.10
N THR A 72 7.60 -2.12 9.89
CA THR A 72 7.42 -3.49 10.37
C THR A 72 7.31 -3.49 11.90
N SER A 73 7.22 -4.67 12.51
CA SER A 73 7.16 -4.72 13.98
C SER A 73 8.52 -4.56 14.62
N ARG A 74 9.57 -4.60 13.82
CA ARG A 74 10.93 -4.52 14.33
C ARG A 74 11.67 -3.25 13.96
N CYS A 75 11.33 -2.65 12.81
CA CYS A 75 12.00 -1.44 12.33
C CYS A 75 11.21 -0.80 11.20
N ALA A 76 11.66 0.38 10.79
CA ALA A 76 11.07 1.08 9.64
C ALA A 76 12.23 1.29 8.66
N ILE A 77 11.92 1.10 7.39
CA ILE A 77 12.91 1.28 6.33
C ILE A 77 12.38 2.35 5.39
N ILE A 78 13.09 3.47 5.33
CA ILE A 78 12.74 4.52 4.39
C ILE A 78 13.17 4.02 3.03
N THR A 79 12.29 4.11 2.05
CA THR A 79 12.60 3.57 0.74
C THR A 79 13.32 4.59 -0.14
N ARG A 80 13.30 4.35 -1.44
CA ARG A 80 13.94 5.23 -2.41
C ARG A 80 13.14 5.13 -3.71
N PRO A 81 12.07 5.89 -3.80
CA PRO A 81 11.16 5.82 -4.94
C PRO A 81 11.82 5.87 -6.30
N GLY A 82 11.33 5.02 -7.19
CA GLY A 82 11.84 4.98 -8.55
C GLY A 82 11.32 6.17 -9.32
N ALA A 83 10.11 6.64 -9.02
CA ALA A 83 9.55 7.78 -9.72
C ALA A 83 10.28 9.06 -9.33
N GLU A 84 10.92 9.72 -10.29
CA GLU A 84 11.68 10.97 -10.06
C GLU A 84 10.96 12.01 -9.20
N SER A 85 9.71 12.31 -9.55
CA SER A 85 8.90 13.29 -8.82
C SER A 85 8.50 12.89 -7.39
N ARG A 86 8.70 11.62 -7.01
CA ARG A 86 8.31 11.16 -5.69
C ARG A 86 9.49 10.81 -4.78
N ARG A 87 10.73 10.83 -5.27
CA ARG A 87 11.87 10.48 -4.42
C ARG A 87 11.97 11.33 -3.16
N GLY A 88 11.71 12.63 -3.27
CA GLY A 88 11.77 13.55 -2.17
C GLY A 88 10.70 13.38 -1.08
N GLU A 89 9.71 12.52 -1.32
CA GLU A 89 8.69 12.26 -0.33
C GLU A 89 9.23 11.57 0.91
N THR A 90 10.40 10.92 0.80
CA THR A 90 10.99 10.29 1.97
C THR A 90 11.37 11.32 3.02
N GLU A 91 11.80 12.49 2.56
CA GLU A 91 12.25 13.55 3.45
C GLU A 91 11.16 14.15 4.32
N ILE A 92 9.96 14.28 3.77
CA ILE A 92 8.85 14.87 4.50
C ILE A 92 8.14 13.89 5.41
N ILE A 93 8.51 12.61 5.34
CA ILE A 93 7.89 11.63 6.24
C ILE A 93 8.86 11.12 7.29
N GLU A 94 10.14 11.40 7.11
CA GLU A 94 11.18 10.91 8.01
C GLU A 94 10.98 11.27 9.49
N GLU A 95 10.55 12.49 9.79
CA GLU A 95 10.38 12.90 11.18
C GLU A 95 9.31 12.06 11.90
N THR A 96 8.21 11.78 11.22
CA THR A 96 7.17 10.94 11.80
C THR A 96 7.67 9.54 12.07
N VAL A 97 8.36 8.96 11.09
CA VAL A 97 8.85 7.58 11.25
C VAL A 97 9.83 7.52 12.43
N GLN A 98 10.71 8.51 12.48
CA GLN A 98 11.71 8.59 13.54
C GLN A 98 11.05 8.63 14.92
N ARG A 99 9.93 9.33 15.03
CA ARG A 99 9.20 9.41 16.31
C ARG A 99 8.60 8.06 16.72
N PHE A 100 8.17 7.26 15.76
CA PHE A 100 7.61 5.93 16.08
C PHE A 100 8.63 4.81 16.25
N TYR A 101 9.80 5.00 15.66
CA TYR A 101 10.85 3.98 15.62
C TYR A 101 12.21 4.53 16.07
N PRO A 102 12.31 4.97 17.30
CA PRO A 102 13.57 5.56 17.77
C PRO A 102 14.71 4.54 17.75
N GLY A 103 15.80 4.91 17.09
CA GLY A 103 16.96 4.05 16.95
C GLY A 103 16.65 2.82 16.13
N LYS A 104 15.62 2.88 15.27
CA LYS A 104 15.27 1.72 14.47
C LYS A 104 14.86 2.08 13.04
N VAL A 105 15.48 3.10 12.48
CA VAL A 105 15.15 3.53 11.12
C VAL A 105 16.29 3.19 10.18
N GLU A 106 15.99 2.40 9.15
CA GLU A 106 16.96 1.95 8.17
C GLU A 106 16.61 2.65 6.85
N ARG A 107 17.48 2.59 5.85
CA ARG A 107 17.17 3.28 4.59
C ARG A 107 17.75 2.55 3.39
N ILE A 108 17.05 2.64 2.26
CA ILE A 108 17.54 2.11 1.00
C ILE A 108 18.45 3.17 0.41
N GLU A 109 19.53 2.78 -0.27
CA GLU A 109 20.45 3.74 -0.88
C GLU A 109 20.70 3.44 -2.34
N ALA A 110 21.31 4.38 -3.05
CA ALA A 110 21.67 4.13 -4.44
C ALA A 110 22.65 2.98 -4.49
N PRO A 111 22.63 2.21 -5.57
CA PRO A 111 21.76 2.41 -6.73
C PRO A 111 20.41 1.67 -6.68
N GLY A 112 19.91 1.46 -5.48
CA GLY A 112 18.63 0.77 -5.31
C GLY A 112 17.46 1.75 -5.40
N THR A 113 16.31 1.21 -5.77
CA THR A 113 15.11 1.99 -5.94
C THR A 113 14.01 1.09 -5.33
N VAL A 114 13.21 1.58 -4.38
CA VAL A 114 12.13 0.75 -3.81
C VAL A 114 10.91 1.63 -3.55
N GLU A 115 9.72 1.14 -3.84
CA GLU A 115 8.46 1.81 -3.47
C GLU A 115 7.69 0.72 -2.74
N ALA A 116 7.32 1.00 -1.48
CA ALA A 116 6.69 -0.01 -0.63
C ALA A 116 5.36 -0.59 -1.07
N GLY A 117 4.72 -0.02 -2.09
CA GLY A 117 3.50 -0.60 -2.65
C GLY A 117 3.83 -1.94 -3.31
N ASP A 118 5.13 -2.15 -3.58
CA ASP A 118 5.61 -3.40 -4.16
C ASP A 118 5.84 -4.46 -3.10
N ILE A 119 5.58 -4.11 -1.84
CA ILE A 119 5.83 -5.03 -0.72
C ILE A 119 4.57 -5.50 -0.02
N MET A 120 4.42 -6.83 0.08
CA MET A 120 3.29 -7.44 0.76
C MET A 120 3.74 -8.25 1.99
N MET A 121 3.30 -7.86 3.18
CA MET A 121 3.68 -8.50 4.43
C MET A 121 2.74 -9.64 4.78
N VAL A 122 3.31 -10.82 4.95
CA VAL A 122 2.53 -12.01 5.34
C VAL A 122 3.25 -12.60 6.52
N GLY A 123 2.80 -12.28 7.73
CA GLY A 123 3.51 -12.76 8.92
C GLY A 123 4.86 -12.07 8.94
N ASP A 124 5.95 -12.81 9.12
CA ASP A 124 7.26 -12.19 9.12
C ASP A 124 7.95 -12.26 7.74
N HIS A 125 7.21 -12.68 6.72
CA HIS A 125 7.75 -12.76 5.36
C HIS A 125 7.27 -11.57 4.54
N PHE A 126 8.17 -11.00 3.76
CA PHE A 126 7.83 -9.84 2.92
C PHE A 126 8.04 -10.15 1.45
N TYR A 127 6.95 -10.16 0.65
CA TYR A 127 7.07 -10.42 -0.77
C TYR A 127 7.28 -9.08 -1.45
N ILE A 128 8.32 -9.01 -2.27
CA ILE A 128 8.70 -7.77 -2.93
C ILE A 128 8.66 -7.87 -4.46
N GLY A 129 7.80 -7.09 -5.11
CA GLY A 129 7.72 -7.13 -6.56
C GLY A 129 8.84 -6.39 -7.28
N GLU A 130 9.33 -6.97 -8.38
CA GLU A 130 10.35 -6.33 -9.19
C GLU A 130 9.54 -5.57 -10.25
N SER A 131 9.45 -4.26 -10.12
CA SER A 131 8.62 -3.48 -11.06
C SER A 131 9.40 -2.34 -11.70
N ALA A 132 8.67 -1.42 -12.33
CA ALA A 132 9.34 -0.24 -12.91
C ALA A 132 9.77 0.71 -11.82
N ARG A 133 9.20 0.55 -10.63
CA ARG A 133 9.49 1.42 -9.49
C ARG A 133 10.45 0.79 -8.46
N THR A 134 10.45 -0.53 -8.36
CA THR A 134 11.31 -1.25 -7.42
C THR A 134 12.24 -2.15 -8.18
N ASN A 135 13.54 -1.83 -8.19
CA ASN A 135 14.51 -2.65 -8.92
C ASN A 135 15.13 -3.75 -8.05
N ALA A 136 15.77 -4.72 -8.70
CA ALA A 136 16.38 -5.84 -8.01
C ALA A 136 17.41 -5.46 -6.94
N GLU A 137 18.15 -4.37 -7.16
CA GLU A 137 19.14 -3.92 -6.19
C GLU A 137 18.42 -3.39 -4.95
N GLY A 138 17.31 -2.68 -5.16
CA GLY A 138 16.50 -2.15 -4.06
C GLY A 138 15.89 -3.30 -3.27
N ALA A 139 15.36 -4.28 -3.98
CA ALA A 139 14.80 -5.46 -3.33
C ALA A 139 15.87 -6.14 -2.51
N ARG A 140 17.06 -6.29 -3.08
CA ARG A 140 18.19 -6.91 -2.38
C ARG A 140 18.51 -6.19 -1.07
N GLN A 141 18.64 -4.87 -1.14
CA GLN A 141 18.94 -4.08 0.04
C GLN A 141 17.86 -4.26 1.10
N MET A 142 16.59 -4.25 0.68
CA MET A 142 15.48 -4.43 1.60
C MET A 142 15.50 -5.82 2.23
N ILE A 143 15.73 -6.85 1.42
CA ILE A 143 15.74 -8.20 2.02
C ILE A 143 16.87 -8.31 3.06
N ALA A 144 18.02 -7.71 2.78
CA ALA A 144 19.16 -7.77 3.72
C ALA A 144 18.81 -7.09 5.05
N ILE A 145 18.13 -5.95 4.98
CA ILE A 145 17.74 -5.23 6.20
C ILE A 145 16.75 -6.08 7.00
N LEU A 146 15.74 -6.61 6.32
CA LEU A 146 14.75 -7.46 6.96
C LEU A 146 15.46 -8.63 7.64
N GLU A 147 16.42 -9.25 6.96
CA GLU A 147 17.14 -10.39 7.55
C GLU A 147 17.95 -9.96 8.79
N LYS A 148 18.56 -8.78 8.78
CA LYS A 148 19.33 -8.24 9.91
C LYS A 148 18.42 -8.16 11.14
N HIS A 149 17.14 -7.94 10.89
CA HIS A 149 16.14 -7.85 11.95
C HIS A 149 15.34 -9.14 12.19
N GLY A 150 15.80 -10.27 11.65
CA GLY A 150 15.12 -11.52 11.87
C GLY A 150 13.87 -11.76 11.04
N LEU A 151 13.62 -10.91 10.06
CA LEU A 151 12.48 -11.10 9.18
C LEU A 151 12.98 -11.72 7.86
N SER A 152 12.07 -12.08 6.96
CA SER A 152 12.48 -12.70 5.70
C SER A 152 11.83 -11.98 4.51
N GLY A 153 12.35 -12.21 3.31
CA GLY A 153 11.78 -11.56 2.13
C GLY A 153 12.13 -12.33 0.87
N SER A 154 11.39 -12.11 -0.21
CA SER A 154 11.65 -12.79 -1.48
C SER A 154 11.19 -11.88 -2.60
N VAL A 155 11.66 -12.13 -3.83
CA VAL A 155 11.29 -11.31 -4.98
C VAL A 155 10.23 -12.00 -5.81
N VAL A 156 9.22 -11.23 -6.21
CA VAL A 156 8.15 -11.71 -7.08
C VAL A 156 8.29 -10.97 -8.40
N ARG A 157 8.31 -11.69 -9.52
CA ARG A 157 8.47 -11.05 -10.82
C ARG A 157 7.11 -10.57 -11.32
N LEU A 158 7.02 -9.38 -11.93
CA LEU A 158 5.74 -8.89 -12.46
C LEU A 158 5.94 -8.08 -13.73
N GLU A 159 4.91 -7.96 -14.55
CA GLU A 159 5.09 -7.19 -15.78
C GLU A 159 3.92 -6.30 -16.11
N LYS A 160 2.73 -6.69 -15.66
CA LYS A 160 1.49 -5.98 -16.00
C LYS A 160 0.90 -4.94 -15.06
N VAL A 161 1.44 -4.74 -13.87
CA VAL A 161 0.91 -3.73 -12.94
C VAL A 161 1.96 -2.74 -12.45
N LEU A 162 1.50 -1.62 -11.89
CA LEU A 162 2.41 -0.60 -11.39
C LEU A 162 3.21 -1.12 -10.21
N HIS A 163 2.55 -1.73 -9.24
CA HIS A 163 3.23 -2.27 -8.07
C HIS A 163 2.58 -3.63 -7.79
N LEU A 164 3.27 -4.46 -7.03
CA LEU A 164 2.74 -5.76 -6.67
C LEU A 164 1.33 -5.68 -6.06
N LYS A 165 1.13 -4.76 -5.09
CA LYS A 165 -0.14 -4.66 -4.40
C LYS A 165 -1.29 -4.05 -5.18
N THR A 166 -1.04 -3.69 -6.43
CA THR A 166 -2.09 -3.25 -7.34
C THR A 166 -3.03 -4.44 -7.57
N GLY A 167 -2.43 -5.62 -7.60
CA GLY A 167 -3.20 -6.83 -7.87
C GLY A 167 -3.15 -7.90 -6.79
N LEU A 168 -2.82 -7.52 -5.56
CA LEU A 168 -2.72 -8.51 -4.47
C LEU A 168 -2.96 -7.84 -3.12
N ALA A 169 -3.50 -8.61 -2.21
CA ALA A 169 -3.77 -8.13 -0.86
C ALA A 169 -3.88 -9.29 0.10
N TYR A 170 -3.09 -9.26 1.17
CA TYR A 170 -3.16 -10.31 2.19
C TYR A 170 -4.07 -9.88 3.31
N LEU A 171 -5.11 -10.69 3.60
CA LEU A 171 -6.07 -10.34 4.63
C LEU A 171 -5.96 -11.17 5.93
N GLU A 172 -4.75 -11.64 6.22
CA GLU A 172 -4.48 -12.45 7.40
C GLU A 172 -5.22 -13.79 7.29
N HIS A 173 -4.89 -14.74 8.16
CA HIS A 173 -5.54 -16.05 8.16
C HIS A 173 -5.41 -16.85 6.85
N ASN A 174 -4.36 -16.61 6.07
CA ASN A 174 -4.09 -17.31 4.83
C ASN A 174 -4.99 -16.90 3.67
N ASN A 175 -5.77 -15.84 3.82
CA ASN A 175 -6.70 -15.42 2.76
C ASN A 175 -6.01 -14.37 1.92
N LEU A 176 -5.81 -14.68 0.64
CA LEU A 176 -5.11 -13.79 -0.28
C LEU A 176 -5.96 -13.33 -1.46
N LEU A 177 -6.14 -12.03 -1.65
CA LEU A 177 -6.84 -11.54 -2.84
C LEU A 177 -5.83 -11.51 -3.99
N ALA A 178 -6.22 -12.03 -5.15
CA ALA A 178 -5.31 -12.03 -6.30
C ALA A 178 -6.04 -11.79 -7.61
N ALA A 179 -5.40 -10.95 -8.42
CA ALA A 179 -5.88 -10.62 -9.75
C ALA A 179 -4.78 -10.79 -10.78
N GLY A 180 -5.22 -10.93 -12.02
CA GLY A 180 -4.32 -11.02 -13.16
C GLY A 180 -3.23 -12.07 -13.07
N GLU A 181 -2.01 -11.63 -13.31
CA GLU A 181 -0.87 -12.53 -13.33
C GLU A 181 -0.46 -13.15 -11.99
N PHE A 182 -1.02 -12.72 -10.86
CA PHE A 182 -0.59 -13.29 -9.59
C PHE A 182 -1.37 -14.55 -9.20
N VAL A 183 -2.56 -14.70 -9.78
CA VAL A 183 -3.42 -15.83 -9.47
C VAL A 183 -2.79 -17.21 -9.58
N SER A 184 -2.03 -17.48 -10.63
CA SER A 184 -1.44 -18.80 -10.81
C SER A 184 0.03 -18.91 -10.40
N LYS A 185 0.55 -17.94 -9.64
CA LYS A 185 1.97 -18.00 -9.25
C LYS A 185 2.21 -19.15 -8.30
N PRO A 186 3.25 -19.93 -8.55
CA PRO A 186 3.61 -21.06 -7.69
C PRO A 186 3.84 -20.63 -6.24
N GLU A 187 4.45 -19.47 -6.04
CA GLU A 187 4.73 -19.00 -4.67
C GLU A 187 3.47 -18.77 -3.85
N PHE A 188 2.32 -18.55 -4.49
CA PHE A 188 1.11 -18.24 -3.73
C PHE A 188 0.09 -19.40 -3.64
N GLN A 189 0.44 -20.56 -4.17
CA GLN A 189 -0.53 -21.67 -4.19
C GLN A 189 -0.91 -22.30 -2.85
N ASP A 190 -0.15 -22.09 -1.76
CA ASP A 190 -0.61 -22.69 -0.52
C ASP A 190 -1.53 -21.71 0.23
N PHE A 191 -1.76 -20.54 -0.37
CA PHE A 191 -2.69 -19.58 0.23
C PHE A 191 -4.11 -19.95 -0.22
N ASN A 192 -5.12 -19.41 0.43
CA ASN A 192 -6.48 -19.58 -0.05
C ASN A 192 -6.64 -18.41 -1.01
N ILE A 193 -6.48 -18.66 -2.31
CA ILE A 193 -6.56 -17.56 -3.27
C ILE A 193 -7.97 -17.19 -3.61
N ILE A 194 -8.24 -15.90 -3.47
CA ILE A 194 -9.53 -15.32 -3.79
C ILE A 194 -9.33 -14.54 -5.08
N GLU A 195 -9.71 -15.19 -6.18
CA GLU A 195 -9.55 -14.60 -7.50
C GLU A 195 -10.56 -13.48 -7.71
N ILE A 196 -10.06 -12.29 -8.03
CA ILE A 196 -10.92 -11.13 -8.26
C ILE A 196 -11.40 -11.17 -9.72
N PRO A 197 -12.69 -11.03 -9.96
CA PRO A 197 -13.23 -11.04 -11.33
C PRO A 197 -12.66 -9.90 -12.15
N GLU A 198 -12.50 -10.07 -13.46
CA GLU A 198 -11.89 -9.02 -14.29
C GLU A 198 -12.51 -7.64 -14.22
N GLU A 199 -13.84 -7.52 -14.25
CA GLU A 199 -14.49 -6.22 -14.18
C GLU A 199 -14.20 -5.49 -12.87
N GLU A 200 -13.85 -6.25 -11.84
CA GLU A 200 -13.58 -5.73 -10.50
C GLU A 200 -12.11 -5.75 -10.11
N SER A 201 -11.22 -5.88 -11.08
CA SER A 201 -9.77 -5.95 -10.83
C SER A 201 -9.23 -4.92 -9.83
N TYR A 202 -9.73 -3.67 -9.89
CA TYR A 202 -9.28 -2.63 -8.96
C TYR A 202 -9.42 -3.09 -7.52
N ALA A 203 -10.48 -3.83 -7.22
CA ALA A 203 -10.73 -4.30 -5.86
C ALA A 203 -9.78 -5.37 -5.32
N ALA A 204 -8.73 -5.70 -6.04
CA ALA A 204 -7.73 -6.63 -5.50
C ALA A 204 -6.91 -5.87 -4.46
N ASN A 205 -6.97 -4.54 -4.54
CA ASN A 205 -6.24 -3.74 -3.54
C ASN A 205 -7.22 -3.40 -2.41
N CYS A 206 -7.06 -4.06 -1.26
CA CYS A 206 -7.87 -3.88 -0.06
C CYS A 206 -6.94 -3.94 1.15
N ILE A 207 -7.39 -3.44 2.30
CA ILE A 207 -6.57 -3.55 3.52
C ILE A 207 -7.25 -4.19 4.71
N TRP A 208 -6.56 -5.15 5.30
CA TRP A 208 -7.00 -5.75 6.53
C TRP A 208 -6.48 -4.82 7.62
N VAL A 209 -7.33 -4.46 8.58
CA VAL A 209 -6.91 -3.69 9.75
C VAL A 209 -7.71 -4.22 10.95
N ASN A 210 -7.09 -5.05 11.77
CA ASN A 210 -7.74 -5.52 12.98
C ASN A 210 -9.12 -6.20 12.80
N GLU A 211 -9.19 -7.06 11.81
CA GLU A 211 -10.39 -7.85 11.48
C GLU A 211 -11.45 -7.09 10.69
N ARG A 212 -11.20 -5.81 10.40
CA ARG A 212 -12.02 -5.02 9.49
C ARG A 212 -11.30 -5.12 8.15
N VAL A 213 -12.01 -5.00 7.04
CA VAL A 213 -11.32 -4.98 5.76
C VAL A 213 -11.89 -3.77 5.03
N ILE A 214 -11.02 -2.81 4.72
CA ILE A 214 -11.44 -1.59 4.05
C ILE A 214 -11.23 -1.78 2.55
N MET A 215 -12.27 -1.55 1.74
CA MET A 215 -12.14 -1.81 0.31
C MET A 215 -12.84 -0.69 -0.46
N PRO A 216 -12.51 -0.55 -1.74
CA PRO A 216 -13.17 0.46 -2.59
C PRO A 216 -14.66 0.12 -2.76
N ALA A 217 -15.48 1.17 -2.79
CA ALA A 217 -16.92 0.98 -2.96
C ALA A 217 -17.21 0.74 -4.44
N GLY A 218 -18.24 -0.06 -4.74
CA GLY A 218 -18.59 -0.35 -6.12
C GLY A 218 -18.11 -1.67 -6.71
N TYR A 219 -17.70 -2.61 -5.86
CA TYR A 219 -17.18 -3.91 -6.28
C TYR A 219 -17.91 -4.97 -5.47
N PRO A 220 -19.17 -5.22 -5.83
CA PRO A 220 -20.01 -6.15 -5.06
C PRO A 220 -19.60 -7.60 -4.99
N ARG A 221 -19.02 -8.16 -6.05
CA ARG A 221 -18.66 -9.57 -5.99
C ARG A 221 -17.52 -9.80 -5.00
N THR A 222 -16.54 -8.90 -5.05
CA THR A 222 -15.40 -8.96 -4.17
C THR A 222 -15.82 -8.71 -2.73
N ARG A 223 -16.72 -7.76 -2.54
CA ARG A 223 -17.22 -7.47 -1.20
C ARG A 223 -17.85 -8.71 -0.58
N GLU A 224 -18.58 -9.48 -1.38
CA GLU A 224 -19.20 -10.70 -0.83
C GLU A 224 -18.18 -11.81 -0.58
N LYS A 225 -17.16 -11.91 -1.44
CA LYS A 225 -16.12 -12.91 -1.25
C LYS A 225 -15.38 -12.66 0.07
N ILE A 226 -15.14 -11.38 0.41
CA ILE A 226 -14.48 -11.03 1.67
C ILE A 226 -15.41 -11.19 2.88
N ALA A 227 -16.61 -10.65 2.77
CA ALA A 227 -17.59 -10.71 3.85
C ALA A 227 -17.85 -12.12 4.36
N ARG A 228 -17.99 -13.06 3.44
CA ARG A 228 -18.26 -14.45 3.83
C ARG A 228 -17.12 -15.08 4.61
N LEU A 229 -15.91 -14.55 4.49
CA LEU A 229 -14.80 -15.08 5.24
C LEU A 229 -14.89 -14.74 6.73
N GLY A 230 -15.68 -13.71 7.08
CA GLY A 230 -15.87 -13.35 8.47
C GLY A 230 -15.40 -11.96 8.87
N TYR A 231 -14.86 -11.22 7.90
CA TYR A 231 -14.38 -9.88 8.16
C TYR A 231 -15.48 -8.82 8.17
N ARG A 232 -15.28 -7.76 8.95
CA ARG A 232 -16.22 -6.64 8.94
C ARG A 232 -15.80 -5.78 7.76
N VAL A 233 -16.59 -5.77 6.70
CA VAL A 233 -16.21 -5.01 5.52
C VAL A 233 -16.71 -3.57 5.52
N ILE A 234 -15.79 -2.65 5.25
CA ILE A 234 -16.10 -1.23 5.17
C ILE A 234 -15.84 -0.76 3.75
N GLU A 235 -16.83 -0.18 3.09
CA GLU A 235 -16.63 0.28 1.71
C GLU A 235 -16.43 1.78 1.69
N VAL A 236 -15.37 2.22 1.00
CA VAL A 236 -15.05 3.63 0.87
C VAL A 236 -14.84 3.96 -0.61
N ASP A 237 -15.54 4.97 -1.12
CA ASP A 237 -15.35 5.29 -2.56
C ASP A 237 -13.99 5.94 -2.74
N THR A 238 -13.12 5.37 -3.59
CA THR A 238 -11.80 5.96 -3.84
C THR A 238 -11.62 6.25 -5.33
N SER A 239 -12.70 6.53 -6.03
CA SER A 239 -12.66 6.76 -7.47
C SER A 239 -11.65 7.83 -7.90
N GLU A 240 -11.44 8.85 -7.11
CA GLU A 240 -10.49 9.91 -7.51
C GLU A 240 -9.05 9.42 -7.41
N TYR A 241 -8.79 8.46 -6.54
CA TYR A 241 -7.43 7.92 -6.44
C TYR A 241 -7.19 6.85 -7.51
N ARG A 242 -8.26 6.14 -7.90
CA ARG A 242 -8.18 5.16 -8.98
C ARG A 242 -7.67 5.80 -10.26
N LYS A 243 -8.06 7.07 -10.49
CA LYS A 243 -7.63 7.82 -11.66
C LYS A 243 -6.11 7.98 -11.74
N ILE A 244 -5.45 7.99 -10.58
CA ILE A 244 -3.99 8.10 -10.54
C ILE A 244 -3.38 6.83 -9.94
N ASP A 245 -3.96 5.70 -10.31
CA ASP A 245 -3.44 4.37 -9.98
C ASP A 245 -3.18 4.06 -8.50
N GLY A 246 -4.03 4.55 -7.60
CA GLY A 246 -3.86 4.30 -6.18
C GLY A 246 -5.18 3.83 -5.56
N GLY A 247 -5.07 3.20 -4.39
CA GLY A 247 -6.23 2.72 -3.67
C GLY A 247 -6.05 2.81 -2.16
N VAL A 248 -6.80 1.97 -1.44
CA VAL A 248 -6.76 1.95 0.00
C VAL A 248 -5.42 1.51 0.59
N SER A 249 -4.65 0.59 -0.02
CA SER A 249 -3.39 0.21 0.61
C SER A 249 -2.42 1.38 0.48
N SER A 250 -2.53 2.07 -0.63
CA SER A 250 -1.64 3.18 -1.00
C SER A 250 -1.66 4.36 -0.06
N MET A 251 -2.81 4.60 0.54
CA MET A 251 -3.05 5.78 1.33
C MET A 251 -2.69 5.72 2.81
N SER A 252 -2.09 4.62 3.26
CA SER A 252 -1.67 4.61 4.66
C SER A 252 -0.51 3.69 4.90
N LEU A 253 0.09 3.88 6.07
CA LEU A 253 1.13 3.02 6.64
C LEU A 253 0.42 2.41 7.86
N ARG A 254 0.49 1.09 8.03
CA ARG A 254 -0.21 0.35 9.05
C ARG A 254 0.77 -0.49 9.87
N PHE A 255 0.84 -0.29 11.18
CA PHE A 255 1.79 -1.02 12.03
C PHE A 255 1.43 -1.02 13.51
#